data_7LHB
#
_entry.id   7LHB
#
_cell.length_a   62.362
_cell.length_b   49.448
_cell.length_c   89.359
_cell.angle_alpha   90
_cell.angle_beta   103.63
_cell.angle_gamma   90
#
_symmetry.space_group_name_H-M   'P 1 21 1'
#
loop_
_entity.id
_entity.type
_entity.pdbx_description
1 polymer 'Apoptosis regulator Bcl-2'
2 non-polymer 'Phosphoric acid mono-[5-(5-{4-[2-(4-chloro-phenyl)-4,4-dimethyl-cyclohex-1-enylmethyl]-piperazin-1-yl}-2-{3-nitro-4-[(tetrahydro-pyran-4-ylmethyl)-amino]-benzenesulfonylaminocarbonyl}-phenoxy)-pyrrolo[2,3-b]pyridin-7-ylmethyl] ester'
3 water water
#
_entity_poly.entity_id   1
_entity_poly.type   'polypeptide(L)'
_entity_poly.pdbx_seq_one_letter_code
;MAHPGRTGYDNREIVMKYIHYKLSQKGYEWDAGDDVEENRTEAPEGTESEVVHLTLRQAGDDFSRRYRRDFAEMSSQLHL
TPFTARGRFATVVEELFRDGVNWGRIVAFFEFGGVMCVESVNREMSPLVDNIALWMTEYLNRHLHTWIQDNGGWDAFVEL
YGPSMR
;
_entity_poly.pdbx_strand_id   A,B,C
#
loop_
_chem_comp.id
_chem_comp.type
_chem_comp.name
_chem_comp.formula
XZD non-polymer 'Phosphoric acid mono-[5-(5-{4-[2-(4-chloro-phenyl)-4,4-dimethyl-cyclohex-1-enylmethyl]-piperazin-1-yl}-2-{3-nitro-4-[(tetrahydro-pyran-4-ylmethyl)-amino]-benzenesulfonylaminocarbonyl}-phenoxy)-pyrrolo[2,3-b]pyridin-7-ylmethyl] ester' 'C46 H53 Cl N7 O11 P S'
#
# COMPACT_ATOMS: atom_id res chain seq x y z
N TYR A 9 1.39 -8.46 -1.56
CA TYR A 9 2.14 -7.22 -1.81
C TYR A 9 3.63 -7.43 -1.90
N ASP A 10 4.23 -6.87 -2.93
CA ASP A 10 5.65 -6.99 -3.16
C ASP A 10 6.38 -5.74 -2.65
N ASN A 11 7.18 -5.86 -1.58
CA ASN A 11 7.92 -4.71 -1.04
C ASN A 11 8.88 -4.08 -2.06
N ARG A 12 9.41 -4.87 -3.00
CA ARG A 12 10.33 -4.36 -4.00
C ARG A 12 9.59 -3.43 -4.94
N GLU A 13 8.39 -3.85 -5.42
CA GLU A 13 7.53 -3.06 -6.30
C GLU A 13 7.11 -1.76 -5.57
N ILE A 14 6.77 -1.88 -4.27
CA ILE A 14 6.37 -0.72 -3.46
C ILE A 14 7.50 0.31 -3.43
N VAL A 15 8.72 -0.15 -3.14
CA VAL A 15 9.92 0.68 -3.08
C VAL A 15 10.22 1.35 -4.45
N MET A 16 10.27 0.54 -5.56
CA MET A 16 10.56 0.99 -6.91
C MET A 16 9.60 2.07 -7.37
N LYS A 17 8.26 1.86 -7.20
CA LYS A 17 7.26 2.88 -7.55
C LYS A 17 7.45 4.19 -6.74
N TYR A 18 7.72 4.07 -5.46
CA TYR A 18 7.90 5.24 -4.60
C TYR A 18 9.09 6.07 -5.03
N ILE A 19 10.26 5.43 -5.21
CA ILE A 19 11.45 6.15 -5.61
C ILE A 19 11.25 6.78 -6.98
N HIS A 20 10.62 6.07 -7.91
CA HIS A 20 10.35 6.58 -9.24
C HIS A 20 9.49 7.85 -9.15
N TYR A 21 8.49 7.81 -8.26
CA TYR A 21 7.67 8.96 -7.94
C TYR A 21 8.50 10.14 -7.37
N LYS A 22 9.31 9.90 -6.36
CA LYS A 22 10.10 10.96 -5.74
C LYS A 22 11.03 11.66 -6.71
N LEU A 23 11.72 10.90 -7.56
CA LEU A 23 12.63 11.42 -8.58
C LEU A 23 11.89 12.16 -9.70
N SER A 24 10.85 11.55 -10.31
CA SER A 24 10.14 12.19 -11.39
C SER A 24 9.39 13.43 -10.94
N GLN A 25 8.82 13.43 -9.72
CA GLN A 25 8.12 14.64 -9.27
C GLN A 25 9.11 15.82 -9.10
N LYS A 26 10.42 15.55 -8.95
CA LYS A 26 11.39 16.62 -8.79
C LYS A 26 12.24 16.89 -10.07
N GLY A 27 11.85 16.29 -11.19
CA GLY A 27 12.50 16.54 -12.46
C GLY A 27 13.74 15.71 -12.72
N TYR A 28 13.94 14.63 -11.93
CA TYR A 28 15.08 13.73 -12.13
C TYR A 28 14.74 12.55 -13.01
N GLU A 29 15.75 11.93 -13.57
CA GLU A 29 15.59 10.75 -14.38
C GLU A 29 16.11 9.53 -13.63
N TRP A 30 15.58 8.35 -13.97
CA TRP A 30 16.07 7.12 -13.36
C TRP A 30 15.90 5.98 -14.34
N SER A 49 -3.16 -3.57 -5.48
CA SER A 49 -1.77 -3.09 -5.46
C SER A 49 -1.62 -1.60 -5.74
N GLU A 50 -2.37 -1.06 -6.71
CA GLU A 50 -2.27 0.36 -7.06
C GLU A 50 -2.76 1.31 -5.98
N VAL A 51 -3.76 0.89 -5.14
CA VAL A 51 -4.23 1.73 -4.02
C VAL A 51 -3.10 1.88 -2.99
N VAL A 52 -2.24 0.84 -2.82
CA VAL A 52 -1.13 0.95 -1.85
C VAL A 52 -0.14 1.98 -2.34
N HIS A 53 0.23 1.93 -3.63
CA HIS A 53 1.15 2.91 -4.20
C HIS A 53 0.58 4.34 -4.10
N LEU A 54 -0.70 4.48 -4.49
CA LEU A 54 -1.37 5.79 -4.44
C LEU A 54 -1.43 6.36 -3.01
N THR A 55 -1.86 5.53 -2.03
CA THR A 55 -1.89 5.94 -0.63
C THR A 55 -0.54 6.37 -0.15
N LEU A 56 0.51 5.59 -0.45
CA LEU A 56 1.86 5.97 -0.05
C LEU A 56 2.31 7.29 -0.67
N ARG A 57 2.05 7.52 -1.94
CA ARG A 57 2.34 8.81 -2.60
C ARG A 57 1.68 9.99 -1.87
N GLN A 58 0.40 9.86 -1.56
CA GLN A 58 -0.35 10.88 -0.85
C GLN A 58 0.18 11.10 0.58
N ALA A 59 0.44 9.97 1.32
CA ALA A 59 0.94 10.08 2.68
C ALA A 59 2.31 10.74 2.69
N GLY A 60 3.18 10.34 1.77
CA GLY A 60 4.52 10.92 1.68
C GLY A 60 4.57 12.37 1.27
N ASP A 61 3.65 12.76 0.37
CA ASP A 61 3.55 14.17 -0.03
C ASP A 61 3.04 14.99 1.15
N ASP A 62 2.10 14.43 1.92
CA ASP A 62 1.57 15.11 3.09
C ASP A 62 2.69 15.28 4.13
N PHE A 63 3.50 14.20 4.37
CA PHE A 63 4.62 14.20 5.30
C PHE A 63 5.61 15.31 4.90
N SER A 64 5.99 15.38 3.62
CA SER A 64 6.95 16.39 3.19
C SER A 64 6.41 17.83 3.32
N ARG A 65 5.09 18.04 3.25
CA ARG A 65 4.51 19.38 3.47
C ARG A 65 4.52 19.71 4.95
N ARG A 66 4.17 18.75 5.79
CA ARG A 66 4.13 18.95 7.23
C ARG A 66 5.55 19.00 7.89
N TYR A 67 6.56 18.34 7.32
CA TYR A 67 7.89 18.29 7.93
C TYR A 67 9.02 18.93 7.12
N ARG A 68 8.71 19.99 6.34
CA ARG A 68 9.67 20.74 5.55
C ARG A 68 10.98 21.08 6.24
N ARG A 69 10.94 21.49 7.53
CA ARG A 69 12.20 21.84 8.20
C ARG A 69 13.07 20.61 8.42
N ASP A 70 12.46 19.45 8.72
CA ASP A 70 13.22 18.21 8.89
C ASP A 70 13.88 17.75 7.58
N PHE A 71 13.23 18.02 6.44
CA PHE A 71 13.75 17.70 5.11
C PHE A 71 14.99 18.51 4.78
N ALA A 72 14.91 19.85 4.94
CA ALA A 72 15.99 20.77 4.62
C ALA A 72 17.22 20.46 5.44
N GLU A 73 17.04 20.16 6.74
CA GLU A 73 18.13 19.82 7.64
C GLU A 73 18.77 18.52 7.16
N MET A 74 17.96 17.47 6.89
CA MET A 74 18.48 16.19 6.42
C MET A 74 19.27 16.31 5.11
N SER A 75 18.68 16.89 4.06
CA SER A 75 19.29 17.08 2.74
C SER A 75 20.62 17.86 2.82
N SER A 76 20.70 18.84 3.71
CA SER A 76 21.91 19.65 3.85
C SER A 76 22.99 18.97 4.69
N GLN A 77 22.60 18.31 5.79
CA GLN A 77 23.54 17.64 6.70
C GLN A 77 24.06 16.31 6.16
N LEU A 78 23.22 15.57 5.46
CA LEU A 78 23.58 14.27 4.92
C LEU A 78 24.81 14.33 4.01
N HIS A 79 25.92 13.76 4.45
CA HIS A 79 27.13 13.72 3.66
C HIS A 79 27.19 12.32 3.08
N LEU A 80 27.23 12.23 1.74
CA LEU A 80 27.21 10.93 1.09
C LEU A 80 28.34 10.67 0.12
N THR A 81 28.82 9.42 0.09
CA THR A 81 29.78 8.93 -0.87
C THR A 81 29.33 7.49 -1.17
N PRO A 82 29.75 6.92 -2.32
CA PRO A 82 29.44 5.51 -2.58
C PRO A 82 29.88 4.55 -1.44
N PHE A 83 30.93 4.91 -0.67
CA PHE A 83 31.44 4.07 0.40
C PHE A 83 30.69 4.21 1.72
N THR A 84 30.21 5.43 2.07
CA THR A 84 29.52 5.67 3.33
C THR A 84 27.99 5.69 3.21
N ALA A 85 27.42 5.48 2.00
CA ALA A 85 25.97 5.62 1.82
C ALA A 85 25.12 4.64 2.64
N ARG A 86 25.52 3.40 2.73
CA ARG A 86 24.79 2.37 3.47
C ARG A 86 24.82 2.68 4.97
N GLY A 87 25.97 3.09 5.48
CA GLY A 87 26.09 3.49 6.88
C GLY A 87 25.23 4.69 7.20
N ARG A 88 25.18 5.67 6.28
CA ARG A 88 24.32 6.84 6.48
C ARG A 88 22.85 6.40 6.52
N PHE A 89 22.41 5.59 5.53
CA PHE A 89 21.07 5.06 5.50
C PHE A 89 20.70 4.31 6.85
N ALA A 90 21.57 3.34 7.26
CA ALA A 90 21.43 2.49 8.45
C ALA A 90 21.35 3.30 9.70
N THR A 91 22.22 4.34 9.83
CA THR A 91 22.23 5.22 11.00
C THR A 91 20.91 5.96 11.21
N VAL A 92 20.37 6.55 10.12
CA VAL A 92 19.13 7.33 10.20
C VAL A 92 17.97 6.42 10.48
N VAL A 93 17.85 5.32 9.74
CA VAL A 93 16.75 4.40 9.90
C VAL A 93 16.69 3.71 11.29
N GLU A 94 17.86 3.42 11.91
CA GLU A 94 17.88 2.86 13.26
C GLU A 94 17.28 3.88 14.23
N GLU A 95 17.61 5.16 14.06
CA GLU A 95 17.13 6.21 14.93
C GLU A 95 15.63 6.45 14.75
N LEU A 96 15.17 6.38 13.50
CA LEU A 96 13.77 6.55 13.17
C LEU A 96 12.90 5.50 13.85
N PHE A 97 13.37 4.24 13.89
CA PHE A 97 12.59 3.13 14.42
C PHE A 97 12.98 2.73 15.85
N ARG A 98 13.90 3.47 16.49
CA ARG A 98 14.43 3.18 17.83
C ARG A 98 13.36 2.95 18.89
N ASP A 99 12.34 3.80 18.93
CA ASP A 99 11.26 3.68 19.90
C ASP A 99 10.03 2.93 19.37
N GLY A 100 10.21 2.16 18.31
CA GLY A 100 9.12 1.38 17.76
C GLY A 100 8.65 1.80 16.40
N VAL A 101 7.79 0.97 15.79
CA VAL A 101 7.29 1.19 14.46
C VAL A 101 5.85 1.68 14.51
N ASN A 102 5.53 2.65 13.67
CA ASN A 102 4.16 3.08 13.41
C ASN A 102 4.06 3.40 11.93
N TRP A 103 2.82 3.62 11.41
CA TRP A 103 2.66 3.93 10.00
C TRP A 103 3.33 5.21 9.62
N GLY A 104 3.27 6.20 10.51
CA GLY A 104 3.90 7.50 10.28
C GLY A 104 5.40 7.40 10.10
N ARG A 105 6.02 6.52 10.90
CA ARG A 105 7.46 6.28 10.83
C ARG A 105 7.83 5.56 9.54
N ILE A 106 6.95 4.67 9.03
CA ILE A 106 7.21 3.96 7.79
C ILE A 106 7.13 4.95 6.61
N VAL A 107 6.18 5.92 6.64
CA VAL A 107 6.09 6.94 5.60
C VAL A 107 7.37 7.79 5.63
N ALA A 108 7.81 8.16 6.84
CA ALA A 108 9.03 8.90 7.01
C ALA A 108 10.26 8.10 6.47
N PHE A 109 10.27 6.76 6.57
CA PHE A 109 11.31 5.91 6.04
C PHE A 109 11.35 6.01 4.51
N PHE A 110 10.18 5.98 3.84
CA PHE A 110 10.10 6.09 2.38
C PHE A 110 10.54 7.49 1.94
N GLU A 111 10.12 8.51 2.68
CA GLU A 111 10.48 9.90 2.42
C GLU A 111 11.99 10.08 2.60
N PHE A 112 12.57 9.43 3.62
CA PHE A 112 14.03 9.48 3.85
C PHE A 112 14.75 8.80 2.68
N GLY A 113 14.25 7.66 2.23
CA GLY A 113 14.78 6.96 1.08
C GLY A 113 14.75 7.82 -0.19
N GLY A 114 13.66 8.55 -0.37
CA GLY A 114 13.50 9.51 -1.46
C GLY A 114 14.51 10.64 -1.33
N VAL A 115 14.70 11.18 -0.12
CA VAL A 115 15.72 12.20 0.13
C VAL A 115 17.12 11.71 -0.25
N MET A 116 17.47 10.46 0.11
CA MET A 116 18.79 9.94 -0.26
C MET A 116 18.94 9.78 -1.75
N CYS A 117 17.87 9.36 -2.43
CA CYS A 117 17.90 9.17 -3.86
C CYS A 117 18.10 10.49 -4.57
N VAL A 118 17.37 11.52 -4.13
CA VAL A 118 17.46 12.85 -4.72
C VAL A 118 18.86 13.45 -4.46
N GLU A 119 19.36 13.36 -3.21
CA GLU A 119 20.71 13.85 -2.92
C GLU A 119 21.77 13.05 -3.71
N SER A 120 21.55 11.74 -3.93
CA SER A 120 22.49 10.94 -4.73
C SER A 120 22.51 11.43 -6.18
N VAL A 121 21.33 11.68 -6.79
CA VAL A 121 21.33 12.16 -8.18
C VAL A 121 21.93 13.55 -8.25
N ASN A 122 21.49 14.45 -7.38
CA ASN A 122 22.03 15.81 -7.26
C ASN A 122 23.56 15.88 -7.32
N ARG A 123 24.21 15.01 -6.52
CA ARG A 123 25.68 14.99 -6.39
C ARG A 123 26.39 14.09 -7.36
N GLU A 124 25.72 13.66 -8.43
CA GLU A 124 26.22 12.83 -9.49
C GLU A 124 26.73 11.48 -9.00
N MET A 125 26.00 10.91 -8.02
CA MET A 125 26.27 9.55 -7.56
C MET A 125 25.01 8.73 -7.87
N SER A 126 24.44 8.93 -9.08
CA SER A 126 23.23 8.28 -9.51
C SER A 126 23.27 6.76 -9.40
N PRO A 127 24.39 6.02 -9.59
CA PRO A 127 24.35 4.56 -9.38
C PRO A 127 23.88 4.18 -7.96
N LEU A 128 24.02 5.08 -6.97
CA LEU A 128 23.58 4.86 -5.60
C LEU A 128 22.07 4.65 -5.47
N VAL A 129 21.26 5.20 -6.41
CA VAL A 129 19.79 5.08 -6.37
C VAL A 129 19.34 3.61 -6.36
N ASP A 130 19.96 2.81 -7.21
CA ASP A 130 19.64 1.39 -7.30
C ASP A 130 20.04 0.66 -5.98
N ASN A 131 21.15 1.08 -5.37
CA ASN A 131 21.60 0.51 -4.10
C ASN A 131 20.62 0.89 -2.99
N ILE A 132 20.14 2.16 -2.98
CA ILE A 132 19.18 2.63 -1.99
C ILE A 132 17.89 1.87 -2.11
N ALA A 133 17.38 1.65 -3.34
CA ALA A 133 16.20 0.81 -3.57
C ALA A 133 16.39 -0.59 -2.95
N LEU A 134 17.56 -1.19 -3.15
CA LEU A 134 17.87 -2.49 -2.58
C LEU A 134 17.86 -2.45 -1.06
N TRP A 135 18.51 -1.44 -0.44
CA TRP A 135 18.55 -1.32 1.01
C TRP A 135 17.18 -1.10 1.62
N MET A 136 16.33 -0.29 0.95
CA MET A 136 14.97 -0.08 1.42
C MET A 136 14.19 -1.37 1.30
N THR A 137 14.36 -2.13 0.22
CA THR A 137 13.62 -3.40 0.05
C THR A 137 13.98 -4.42 1.12
N GLU A 138 15.29 -4.57 1.41
CA GLU A 138 15.76 -5.48 2.44
C GLU A 138 15.31 -5.05 3.79
N TYR A 139 15.34 -3.75 4.09
CA TYR A 139 14.89 -3.25 5.39
C TYR A 139 13.38 -3.59 5.61
N LEU A 140 12.56 -3.44 4.56
CA LEU A 140 11.13 -3.75 4.66
C LEU A 140 10.92 -5.24 4.85
N ASN A 141 11.67 -6.06 4.11
CA ASN A 141 11.54 -7.50 4.18
C ASN A 141 12.11 -8.14 5.45
N ARG A 142 13.14 -7.55 6.06
CA ARG A 142 13.83 -8.19 7.19
C ARG A 142 13.65 -7.51 8.53
N HIS A 143 13.32 -6.22 8.55
CA HIS A 143 13.11 -5.49 9.81
C HIS A 143 11.66 -5.01 10.00
N LEU A 144 10.96 -4.61 8.93
CA LEU A 144 9.62 -4.06 9.08
C LEU A 144 8.47 -5.03 8.85
N HIS A 145 8.77 -6.14 8.15
CA HIS A 145 7.80 -7.17 7.77
C HIS A 145 6.99 -7.67 8.94
N THR A 146 7.65 -7.99 10.05
CA THR A 146 6.96 -8.49 11.23
C THR A 146 5.88 -7.52 11.74
N TRP A 147 6.27 -6.27 11.98
CA TRP A 147 5.34 -5.25 12.42
C TRP A 147 4.23 -5.05 11.42
N ILE A 148 4.55 -4.98 10.11
CA ILE A 148 3.53 -4.76 9.09
C ILE A 148 2.43 -5.82 9.18
N GLN A 149 2.81 -7.11 9.22
CA GLN A 149 1.81 -8.16 9.27
C GLN A 149 1.07 -8.21 10.61
N ASP A 150 1.78 -7.91 11.72
CA ASP A 150 1.19 -7.86 13.05
C ASP A 150 0.20 -6.70 13.21
N ASN A 151 0.29 -5.67 12.35
CA ASN A 151 -0.59 -4.50 12.39
C ASN A 151 -1.60 -4.41 11.23
N GLY A 152 -1.90 -5.55 10.60
CA GLY A 152 -2.94 -5.59 9.58
C GLY A 152 -2.48 -5.61 8.13
N GLY A 153 -1.18 -5.51 7.92
CA GLY A 153 -0.63 -5.48 6.57
C GLY A 153 -0.83 -4.14 5.87
N TRP A 154 -0.39 -4.05 4.60
CA TRP A 154 -0.58 -2.83 3.82
C TRP A 154 -2.07 -2.49 3.66
N ASP A 155 -2.97 -3.51 3.68
CA ASP A 155 -4.43 -3.27 3.64
C ASP A 155 -4.90 -2.39 4.78
N ALA A 156 -4.31 -2.56 5.96
CA ALA A 156 -4.68 -1.75 7.11
C ALA A 156 -4.20 -0.30 6.97
N PHE A 157 -3.05 -0.10 6.33
CA PHE A 157 -2.52 1.23 6.10
C PHE A 157 -3.49 1.97 5.11
N VAL A 158 -3.97 1.25 4.09
CA VAL A 158 -4.88 1.79 3.08
C VAL A 158 -6.22 2.11 3.73
N GLU A 159 -6.68 1.28 4.68
CA GLU A 159 -7.92 1.52 5.42
C GLU A 159 -7.80 2.75 6.28
N LEU A 160 -6.65 2.96 6.93
CA LEU A 160 -6.48 4.12 7.81
C LEU A 160 -6.27 5.44 7.07
N TYR A 161 -5.45 5.45 5.99
CA TYR A 161 -5.06 6.71 5.36
C TYR A 161 -5.34 6.84 3.89
N GLY A 162 -5.97 5.85 3.28
CA GLY A 162 -6.23 5.87 1.85
C GLY A 162 -7.63 6.26 1.42
N PRO A 163 -7.87 6.18 0.11
CA PRO A 163 -9.20 6.55 -0.43
C PRO A 163 -10.33 5.57 -0.08
N TYR B 9 -29.14 16.37 -15.37
CA TYR B 9 -29.08 15.99 -13.96
C TYR B 9 -29.75 17.04 -13.07
N ASP B 10 -30.40 16.59 -12.00
CA ASP B 10 -31.09 17.51 -11.09
C ASP B 10 -30.10 17.99 -10.03
N ASN B 11 -29.88 19.31 -9.97
CA ASN B 11 -28.96 19.92 -9.02
C ASN B 11 -29.41 19.78 -7.56
N ARG B 12 -30.73 19.78 -7.32
CA ARG B 12 -31.25 19.65 -5.96
C ARG B 12 -30.90 18.28 -5.40
N GLU B 13 -31.06 17.23 -6.22
CA GLU B 13 -30.76 15.90 -5.80
C GLU B 13 -29.25 15.74 -5.52
N ILE B 14 -28.40 16.41 -6.34
CA ILE B 14 -26.96 16.32 -6.15
C ILE B 14 -26.56 16.89 -4.76
N VAL B 15 -27.09 18.08 -4.42
CA VAL B 15 -26.82 18.80 -3.16
C VAL B 15 -27.32 18.04 -1.93
N MET B 16 -28.59 17.56 -2.00
CA MET B 16 -29.27 16.85 -0.93
C MET B 16 -28.55 15.55 -0.61
N LYS B 17 -28.21 14.77 -1.63
CA LYS B 17 -27.47 13.51 -1.42
C LYS B 17 -26.06 13.77 -0.86
N TYR B 18 -25.42 14.85 -1.32
CA TYR B 18 -24.08 15.17 -0.85
C TYR B 18 -24.09 15.54 0.63
N ILE B 19 -24.96 16.50 1.01
CA ILE B 19 -25.09 16.95 2.38
C ILE B 19 -25.50 15.76 3.29
N HIS B 20 -26.47 14.93 2.81
CA HIS B 20 -26.92 13.76 3.58
C HIS B 20 -25.78 12.82 3.89
N TYR B 21 -24.90 12.56 2.91
CA TYR B 21 -23.73 11.73 3.10
C TYR B 21 -22.71 12.38 4.03
N LYS B 22 -22.46 13.66 3.85
CA LYS B 22 -21.49 14.37 4.68
C LYS B 22 -21.87 14.35 6.17
N LEU B 23 -23.13 14.67 6.49
CA LEU B 23 -23.56 14.66 7.90
C LEU B 23 -23.58 13.21 8.43
N SER B 24 -24.15 12.25 7.69
CA SER B 24 -24.13 10.85 8.10
C SER B 24 -22.72 10.32 8.36
N GLN B 25 -21.75 10.64 7.51
CA GLN B 25 -20.38 10.14 7.67
C GLN B 25 -19.67 10.75 8.87
N LYS B 26 -20.04 11.98 9.30
CA LYS B 26 -19.39 12.56 10.49
C LYS B 26 -20.15 12.24 11.82
N GLY B 27 -21.22 11.45 11.74
CA GLY B 27 -21.98 11.04 12.91
C GLY B 27 -23.17 11.91 13.28
N TYR B 28 -23.58 12.83 12.38
CA TYR B 28 -24.70 13.71 12.66
C TYR B 28 -26.02 13.15 12.23
N GLU B 29 -27.13 13.72 12.70
CA GLU B 29 -28.47 13.30 12.29
C GLU B 29 -29.12 14.43 11.48
N TRP B 30 -29.77 14.12 10.36
CA TRP B 30 -30.45 15.15 9.56
C TRP B 30 -31.55 14.54 8.71
N GLU B 50 -26.62 6.82 -10.01
CA GLU B 50 -25.89 6.89 -8.75
C GLU B 50 -24.38 7.20 -8.91
N VAL B 51 -23.80 7.07 -10.13
CA VAL B 51 -22.36 7.32 -10.37
C VAL B 51 -21.94 8.78 -10.11
N VAL B 52 -22.76 9.80 -10.43
CA VAL B 52 -22.38 11.19 -10.17
C VAL B 52 -22.24 11.42 -8.67
N HIS B 53 -23.20 10.91 -7.91
CA HIS B 53 -23.22 11.09 -6.47
C HIS B 53 -22.00 10.47 -5.80
N LEU B 54 -21.65 9.26 -6.21
CA LEU B 54 -20.51 8.51 -5.70
C LEU B 54 -19.18 9.17 -6.12
N THR B 55 -19.07 9.59 -7.39
CA THR B 55 -17.84 10.27 -7.85
C THR B 55 -17.64 11.58 -7.10
N LEU B 56 -18.72 12.31 -6.83
CA LEU B 56 -18.64 13.56 -6.10
C LEU B 56 -18.22 13.33 -4.65
N ARG B 57 -18.70 12.26 -4.01
CA ARG B 57 -18.29 11.90 -2.64
C ARG B 57 -16.80 11.60 -2.65
N GLN B 58 -16.34 10.80 -3.62
CA GLN B 58 -14.94 10.41 -3.68
C GLN B 58 -14.07 11.62 -3.94
N ALA B 59 -14.50 12.51 -4.85
CA ALA B 59 -13.72 13.71 -5.16
C ALA B 59 -13.65 14.62 -3.95
N GLY B 60 -14.79 14.81 -3.26
CA GLY B 60 -14.89 15.62 -2.08
C GLY B 60 -14.01 15.11 -0.95
N ASP B 61 -13.98 13.81 -0.73
CA ASP B 61 -13.12 13.21 0.29
C ASP B 61 -11.66 13.35 -0.07
N ASP B 62 -11.31 13.27 -1.37
CA ASP B 62 -9.94 13.47 -1.82
C ASP B 62 -9.52 14.93 -1.63
N PHE B 63 -10.48 15.88 -1.82
CA PHE B 63 -10.21 17.30 -1.63
C PHE B 63 -9.93 17.59 -0.18
N SER B 64 -10.72 17.06 0.76
CA SER B 64 -10.48 17.36 2.17
C SER B 64 -9.24 16.63 2.73
N ARG B 65 -8.84 15.48 2.12
CA ARG B 65 -7.57 14.83 2.51
C ARG B 65 -6.41 15.76 2.08
N ARG B 66 -6.40 16.23 0.83
CA ARG B 66 -5.35 17.10 0.31
C ARG B 66 -5.31 18.50 0.97
N TYR B 67 -6.48 19.11 1.17
CA TYR B 67 -6.59 20.47 1.70
C TYR B 67 -7.11 20.54 3.11
N ARG B 68 -6.76 19.55 3.93
CA ARG B 68 -7.10 19.44 5.35
C ARG B 68 -6.80 20.69 6.19
N ARG B 69 -5.69 21.41 5.95
CA ARG B 69 -5.41 22.64 6.72
C ARG B 69 -6.39 23.75 6.33
N ASP B 70 -6.70 23.85 5.02
CA ASP B 70 -7.68 24.82 4.55
C ASP B 70 -9.08 24.50 5.14
N PHE B 71 -9.40 23.22 5.17
CA PHE B 71 -10.62 22.68 5.76
C PHE B 71 -10.67 23.04 7.27
N ALA B 72 -9.60 22.77 8.02
CA ALA B 72 -9.55 23.05 9.46
C ALA B 72 -9.65 24.53 9.76
N GLU B 73 -8.92 25.36 8.99
CA GLU B 73 -8.96 26.82 9.10
C GLU B 73 -10.40 27.30 8.88
N MET B 74 -11.07 26.86 7.78
CA MET B 74 -12.45 27.23 7.48
C MET B 74 -13.43 26.82 8.60
N SER B 75 -13.38 25.53 9.02
CA SER B 75 -14.22 24.98 10.09
C SER B 75 -14.06 25.75 11.41
N SER B 76 -12.89 26.35 11.65
CA SER B 76 -12.64 27.06 12.89
C SER B 76 -12.88 28.56 12.81
N GLN B 77 -12.65 29.18 11.65
CA GLN B 77 -12.81 30.63 11.51
C GLN B 77 -14.21 31.06 11.04
N LEU B 78 -15.04 30.11 10.58
CA LEU B 78 -16.38 30.42 10.12
C LEU B 78 -17.30 30.77 11.28
N HIS B 79 -17.89 31.98 11.28
CA HIS B 79 -18.84 32.39 12.33
C HIS B 79 -20.21 32.33 11.72
N LEU B 80 -21.13 31.55 12.32
CA LEU B 80 -22.47 31.43 11.77
C LEU B 80 -23.56 31.78 12.73
N THR B 81 -24.54 32.54 12.22
CA THR B 81 -25.78 32.85 12.91
C THR B 81 -26.84 32.75 11.80
N PRO B 82 -28.10 32.45 12.16
CA PRO B 82 -29.14 32.36 11.10
C PRO B 82 -29.26 33.63 10.24
N PHE B 83 -28.91 34.80 10.81
CA PHE B 83 -29.04 36.07 10.12
C PHE B 83 -27.91 36.40 9.13
N THR B 84 -26.68 35.98 9.42
CA THR B 84 -25.49 36.24 8.63
C THR B 84 -25.01 35.07 7.75
N ALA B 85 -25.61 33.91 7.86
CA ALA B 85 -25.17 32.70 7.17
C ALA B 85 -25.18 32.81 5.64
N ARG B 86 -26.22 33.42 5.02
CA ARG B 86 -26.22 33.55 3.54
C ARG B 86 -25.10 34.48 3.10
N GLY B 87 -24.85 35.53 3.87
CA GLY B 87 -23.74 36.42 3.61
C GLY B 87 -22.40 35.71 3.74
N ARG B 88 -22.21 34.88 4.77
CA ARG B 88 -20.97 34.11 4.94
C ARG B 88 -20.78 33.15 3.74
N PHE B 89 -21.84 32.47 3.34
CA PHE B 89 -21.81 31.56 2.22
C PHE B 89 -21.38 32.28 0.92
N ALA B 90 -22.07 33.38 0.59
CA ALA B 90 -21.85 34.17 -0.63
C ALA B 90 -20.46 34.75 -0.64
N THR B 91 -19.96 35.20 0.55
CA THR B 91 -18.64 35.80 0.63
C THR B 91 -17.56 34.78 0.24
N VAL B 92 -17.65 33.57 0.81
CA VAL B 92 -16.65 32.55 0.53
C VAL B 92 -16.74 32.08 -0.90
N VAL B 93 -17.95 31.73 -1.36
CA VAL B 93 -18.19 31.20 -2.70
C VAL B 93 -17.84 32.23 -3.82
N GLU B 94 -17.98 33.55 -3.55
CA GLU B 94 -17.56 34.56 -4.54
C GLU B 94 -16.03 34.49 -4.71
N GLU B 95 -15.30 34.35 -3.60
CA GLU B 95 -13.85 34.23 -3.61
C GLU B 95 -13.41 32.94 -4.30
N LEU B 96 -14.10 31.83 -4.02
CA LEU B 96 -13.78 30.54 -4.63
C LEU B 96 -13.81 30.57 -6.15
N PHE B 97 -14.81 31.22 -6.72
CA PHE B 97 -15.02 31.27 -8.16
C PHE B 97 -14.55 32.58 -8.81
N ARG B 98 -13.91 33.48 -8.06
CA ARG B 98 -13.52 34.79 -8.60
C ARG B 98 -12.72 34.75 -9.92
N ASP B 99 -11.77 33.82 -10.00
CA ASP B 99 -10.93 33.63 -11.18
C ASP B 99 -11.51 32.64 -12.21
N GLY B 100 -12.74 32.19 -12.00
CA GLY B 100 -13.40 31.28 -12.91
C GLY B 100 -13.83 29.96 -12.28
N VAL B 101 -14.37 29.08 -13.12
CA VAL B 101 -14.86 27.82 -12.69
C VAL B 101 -14.10 26.68 -13.34
N ASN B 102 -13.85 25.64 -12.54
CA ASN B 102 -13.33 24.35 -12.99
C ASN B 102 -13.90 23.25 -12.05
N TRP B 103 -13.71 21.95 -12.40
CA TRP B 103 -14.25 20.86 -11.63
C TRP B 103 -13.74 20.85 -10.17
N GLY B 104 -12.44 21.14 -9.97
CA GLY B 104 -11.82 21.21 -8.66
C GLY B 104 -12.44 22.26 -7.76
N ARG B 105 -12.79 23.42 -8.30
CA ARG B 105 -13.45 24.47 -7.54
C ARG B 105 -14.93 24.11 -7.26
N ILE B 106 -15.58 23.35 -8.16
CA ILE B 106 -16.95 22.90 -7.90
C ILE B 106 -16.92 21.86 -6.76
N VAL B 107 -15.89 20.99 -6.73
CA VAL B 107 -15.73 20.04 -5.62
C VAL B 107 -15.48 20.81 -4.31
N ALA B 108 -14.66 21.85 -4.37
CA ALA B 108 -14.37 22.67 -3.19
C ALA B 108 -15.65 23.37 -2.68
N PHE B 109 -16.57 23.75 -3.60
CA PHE B 109 -17.85 24.39 -3.34
C PHE B 109 -18.70 23.44 -2.51
N PHE B 110 -18.77 22.17 -2.93
CA PHE B 110 -19.55 21.16 -2.23
C PHE B 110 -18.95 20.88 -0.86
N GLU B 111 -17.62 20.75 -0.77
CA GLU B 111 -16.93 20.54 0.50
C GLU B 111 -17.15 21.71 1.42
N PHE B 112 -17.11 22.97 0.90
CA PHE B 112 -17.39 24.14 1.75
C PHE B 112 -18.85 24.10 2.22
N GLY B 113 -19.77 23.67 1.35
CA GLY B 113 -21.17 23.53 1.75
C GLY B 113 -21.33 22.58 2.92
N GLY B 114 -20.56 21.48 2.90
CA GLY B 114 -20.54 20.45 3.93
C GLY B 114 -19.94 20.98 5.22
N VAL B 115 -18.90 21.82 5.13
CA VAL B 115 -18.33 22.47 6.30
C VAL B 115 -19.42 23.35 6.95
N MET B 116 -20.13 24.18 6.14
CA MET B 116 -21.22 24.97 6.70
C MET B 116 -22.29 24.13 7.36
N CYS B 117 -22.66 23.00 6.76
CA CYS B 117 -23.72 22.13 7.27
C CYS B 117 -23.32 21.46 8.57
N VAL B 118 -22.07 20.93 8.64
CA VAL B 118 -21.52 20.31 9.82
C VAL B 118 -21.42 21.38 10.91
N GLU B 119 -20.89 22.54 10.56
CA GLU B 119 -20.77 23.64 11.53
C GLU B 119 -22.15 24.10 12.06
N SER B 120 -23.20 24.02 11.24
CA SER B 120 -24.57 24.36 11.66
C SER B 120 -25.09 23.35 12.66
N VAL B 121 -24.95 22.04 12.39
CA VAL B 121 -25.45 21.04 13.32
C VAL B 121 -24.64 21.08 14.63
N ASN B 122 -23.34 21.28 14.55
CA ASN B 122 -22.48 21.38 15.72
C ASN B 122 -22.90 22.49 16.68
N ARG B 123 -23.33 23.62 16.12
CA ARG B 123 -23.72 24.76 16.95
C ARG B 123 -25.21 24.80 17.26
N GLU B 124 -25.92 23.71 17.02
CA GLU B 124 -27.34 23.55 17.23
C GLU B 124 -28.15 24.55 16.43
N MET B 125 -27.75 24.78 15.17
CA MET B 125 -28.53 25.58 14.26
C MET B 125 -28.86 24.66 13.08
N SER B 126 -29.32 23.41 13.38
CA SER B 126 -29.63 22.47 12.32
C SER B 126 -30.72 22.99 11.33
N PRO B 127 -31.70 23.89 11.65
CA PRO B 127 -32.59 24.38 10.59
C PRO B 127 -31.83 25.04 9.43
N LEU B 128 -30.60 25.57 9.67
CA LEU B 128 -29.79 26.17 8.60
C LEU B 128 -29.38 25.20 7.50
N VAL B 129 -29.29 23.88 7.80
CA VAL B 129 -28.90 22.90 6.79
C VAL B 129 -29.81 22.96 5.54
N ASP B 130 -31.14 23.09 5.74
CA ASP B 130 -32.09 23.21 4.62
C ASP B 130 -31.87 24.49 3.87
N ASN B 131 -31.52 25.60 4.57
CA ASN B 131 -31.24 26.86 3.88
C ASN B 131 -29.97 26.73 3.07
N ILE B 132 -28.89 26.15 3.66
CA ILE B 132 -27.62 25.95 2.96
C ILE B 132 -27.85 25.09 1.71
N ALA B 133 -28.62 24.01 1.81
CA ALA B 133 -28.93 23.18 0.63
C ALA B 133 -29.60 24.01 -0.46
N LEU B 134 -30.54 24.90 -0.05
CA LEU B 134 -31.20 25.78 -0.99
C LEU B 134 -30.20 26.75 -1.65
N TRP B 135 -29.36 27.41 -0.88
CA TRP B 135 -28.36 28.32 -1.42
C TRP B 135 -27.37 27.65 -2.35
N MET B 136 -26.98 26.39 -2.06
CA MET B 136 -26.06 25.64 -2.91
C MET B 136 -26.77 25.32 -4.21
N THR B 137 -28.04 24.86 -4.13
CA THR B 137 -28.87 24.57 -5.33
C THR B 137 -29.03 25.83 -6.19
N GLU B 138 -29.36 26.98 -5.58
CA GLU B 138 -29.50 28.21 -6.38
C GLU B 138 -28.18 28.65 -7.00
N TYR B 139 -27.04 28.49 -6.29
CA TYR B 139 -25.75 28.87 -6.82
C TYR B 139 -25.39 27.99 -8.05
N LEU B 140 -25.63 26.68 -7.95
CA LEU B 140 -25.43 25.76 -9.07
C LEU B 140 -26.28 26.20 -10.26
N ASN B 141 -27.58 26.45 -10.03
CA ASN B 141 -28.50 26.88 -11.08
C ASN B 141 -28.19 28.22 -11.70
N ARG B 142 -27.80 29.21 -10.92
CA ARG B 142 -27.61 30.56 -11.42
C ARG B 142 -26.19 30.93 -11.84
N HIS B 143 -25.17 30.37 -11.18
CA HIS B 143 -23.80 30.76 -11.46
C HIS B 143 -22.94 29.69 -12.09
N LEU B 144 -23.16 28.42 -11.81
CA LEU B 144 -22.30 27.32 -12.27
C LEU B 144 -22.83 26.52 -13.45
N HIS B 145 -24.14 26.58 -13.69
CA HIS B 145 -24.85 25.88 -14.77
C HIS B 145 -24.29 26.09 -16.19
N THR B 146 -23.94 27.32 -16.54
CA THR B 146 -23.42 27.59 -17.89
C THR B 146 -22.08 26.89 -18.10
N TRP B 147 -21.15 27.00 -17.13
CA TRP B 147 -19.83 26.37 -17.24
C TRP B 147 -19.99 24.86 -17.29
N ILE B 148 -20.86 24.28 -16.41
CA ILE B 148 -21.10 22.84 -16.36
C ILE B 148 -21.57 22.34 -17.73
N GLN B 149 -22.58 22.99 -18.30
CA GLN B 149 -23.10 22.60 -19.61
C GLN B 149 -22.12 22.85 -20.76
N ASP B 150 -21.25 23.87 -20.66
CA ASP B 150 -20.23 24.11 -21.70
C ASP B 150 -19.01 23.19 -21.56
N ASN B 151 -18.86 22.51 -20.42
CA ASN B 151 -17.73 21.64 -20.20
C ASN B 151 -18.09 20.17 -20.11
N GLY B 152 -19.16 19.77 -20.78
CA GLY B 152 -19.53 18.36 -20.87
C GLY B 152 -20.58 17.83 -19.91
N GLY B 153 -21.02 18.70 -19.00
CA GLY B 153 -21.98 18.34 -17.96
C GLY B 153 -21.38 17.44 -16.89
N TRP B 154 -22.22 16.90 -16.03
CA TRP B 154 -21.79 15.96 -14.99
C TRP B 154 -21.30 14.61 -15.59
N ASP B 155 -21.61 14.31 -16.87
CA ASP B 155 -21.07 13.13 -17.55
C ASP B 155 -19.55 13.30 -17.70
N ALA B 156 -19.07 14.53 -17.99
CA ALA B 156 -17.64 14.79 -18.15
C ALA B 156 -16.91 14.66 -16.79
N PHE B 157 -17.54 15.09 -15.70
CA PHE B 157 -16.97 14.95 -14.36
C PHE B 157 -16.83 13.44 -14.03
N VAL B 158 -17.85 12.65 -14.38
CA VAL B 158 -17.78 11.21 -14.18
C VAL B 158 -16.71 10.56 -15.07
N GLU B 159 -16.60 10.98 -16.32
CA GLU B 159 -15.61 10.42 -17.23
C GLU B 159 -14.18 10.72 -16.74
N LEU B 160 -13.96 11.95 -16.23
CA LEU B 160 -12.64 12.34 -15.75
C LEU B 160 -12.26 11.71 -14.40
N TYR B 161 -13.20 11.70 -13.42
CA TYR B 161 -12.85 11.32 -12.05
C TYR B 161 -13.61 10.13 -11.46
N GLY B 162 -14.55 9.59 -12.19
CA GLY B 162 -15.38 8.47 -11.79
C GLY B 162 -14.63 7.17 -11.61
N PRO B 163 -15.27 6.21 -10.95
CA PRO B 163 -14.61 4.92 -10.72
C PRO B 163 -14.82 3.97 -11.89
N ASP C 10 2.72 -43.36 -3.00
CA ASP C 10 3.50 -43.14 -1.77
C ASP C 10 4.18 -41.76 -1.77
N ASN C 11 3.62 -40.83 -0.97
CA ASN C 11 4.13 -39.48 -0.80
C ASN C 11 5.58 -39.52 -0.32
N ARG C 12 5.93 -40.49 0.56
CA ARG C 12 7.27 -40.67 1.08
C ARG C 12 8.33 -40.88 -0.01
N GLU C 13 7.98 -41.58 -1.09
CA GLU C 13 8.90 -41.81 -2.20
C GLU C 13 9.12 -40.50 -2.98
N ILE C 14 8.03 -39.75 -3.24
CA ILE C 14 8.04 -38.47 -3.95
C ILE C 14 8.88 -37.41 -3.20
N VAL C 15 8.87 -37.47 -1.87
CA VAL C 15 9.68 -36.57 -1.06
C VAL C 15 11.14 -36.98 -1.15
N MET C 16 11.44 -38.27 -0.89
CA MET C 16 12.81 -38.82 -0.90
C MET C 16 13.53 -38.57 -2.22
N LYS C 17 12.83 -38.76 -3.34
CA LYS C 17 13.45 -38.56 -4.65
C LYS C 17 13.47 -37.07 -5.06
N TYR C 18 12.60 -36.22 -4.47
CA TYR C 18 12.65 -34.79 -4.73
C TYR C 18 13.87 -34.22 -4.03
N ILE C 19 14.07 -34.59 -2.75
CA ILE C 19 15.22 -34.13 -1.98
C ILE C 19 16.52 -34.64 -2.57
N HIS C 20 16.58 -35.92 -2.97
CA HIS C 20 17.75 -36.52 -3.61
C HIS C 20 18.12 -35.73 -4.86
N TYR C 21 17.11 -35.38 -5.67
CA TYR C 21 17.34 -34.58 -6.86
C TYR C 21 17.87 -33.18 -6.52
N LYS C 22 17.19 -32.43 -5.62
CA LYS C 22 17.62 -31.08 -5.28
C LYS C 22 19.02 -31.01 -4.65
N LEU C 23 19.41 -32.04 -3.90
CA LEU C 23 20.75 -32.09 -3.33
C LEU C 23 21.80 -32.40 -4.42
N SER C 24 21.41 -33.20 -5.44
CA SER C 24 22.28 -33.57 -6.58
C SER C 24 22.60 -32.34 -7.41
N GLN C 25 21.65 -31.40 -7.56
CA GLN C 25 21.90 -30.17 -8.31
C GLN C 25 22.98 -29.30 -7.67
N LYS C 26 23.18 -29.43 -6.36
CA LYS C 26 24.20 -28.67 -5.65
C LYS C 26 25.47 -29.48 -5.34
N GLY C 27 25.67 -30.60 -6.05
CA GLY C 27 26.84 -31.45 -5.88
C GLY C 27 26.87 -32.16 -4.54
N TYR C 28 25.71 -32.52 -4.01
CA TYR C 28 25.63 -33.21 -2.72
C TYR C 28 25.06 -34.61 -2.87
N GLU C 29 25.75 -35.60 -2.31
CA GLU C 29 25.32 -36.98 -2.38
C GLU C 29 24.62 -37.31 -1.07
N TRP C 30 23.35 -37.71 -1.14
CA TRP C 30 22.59 -38.03 0.06
C TRP C 30 22.26 -39.52 0.07
N HIS C 53 7.35 -37.99 -10.65
CA HIS C 53 8.69 -37.68 -10.15
C HIS C 53 9.40 -36.72 -11.09
N LEU C 54 9.38 -37.01 -12.40
CA LEU C 54 10.04 -36.15 -13.38
C LEU C 54 9.28 -34.84 -13.61
N THR C 55 7.95 -34.87 -13.49
CA THR C 55 7.11 -33.68 -13.66
C THR C 55 7.29 -32.73 -12.49
N LEU C 56 7.46 -33.26 -11.27
CA LEU C 56 7.65 -32.47 -10.06
C LEU C 56 9.01 -31.78 -10.09
N ARG C 57 10.08 -32.49 -10.53
CA ARG C 57 11.43 -31.92 -10.68
C ARG C 57 11.40 -30.74 -11.63
N GLN C 58 10.66 -30.89 -12.75
CA GLN C 58 10.53 -29.84 -13.74
C GLN C 58 9.71 -28.66 -13.25
N ALA C 59 8.60 -28.95 -12.55
CA ALA C 59 7.74 -27.88 -12.01
C ALA C 59 8.50 -27.03 -10.99
N GLY C 60 9.30 -27.70 -10.15
CA GLY C 60 10.11 -27.06 -9.13
C GLY C 60 11.17 -26.15 -9.72
N ASP C 61 11.92 -26.64 -10.73
CA ASP C 61 12.94 -25.80 -11.37
C ASP C 61 12.34 -24.56 -12.01
N ASP C 62 11.14 -24.70 -12.60
CA ASP C 62 10.43 -23.57 -13.21
C ASP C 62 9.94 -22.59 -12.12
N PHE C 63 9.48 -23.12 -10.96
CA PHE C 63 9.03 -22.28 -9.85
C PHE C 63 10.15 -21.36 -9.38
N SER C 64 11.36 -21.92 -9.12
CA SER C 64 12.49 -21.12 -8.64
C SER C 64 13.05 -20.11 -9.64
N ARG C 65 12.79 -20.31 -10.93
CA ARG C 65 13.24 -19.36 -11.95
C ARG C 65 12.20 -18.22 -11.99
N ARG C 66 10.91 -18.56 -12.05
CA ARG C 66 9.82 -17.59 -12.11
C ARG C 66 9.75 -16.71 -10.86
N TYR C 67 9.98 -17.32 -9.69
CA TYR C 67 9.94 -16.60 -8.41
C TYR C 67 11.33 -16.50 -7.81
N ARG C 68 12.30 -16.19 -8.65
CA ARG C 68 13.71 -16.09 -8.33
C ARG C 68 13.99 -15.19 -7.11
N ARG C 69 13.29 -14.06 -7.02
CA ARG C 69 13.49 -13.11 -5.96
C ARG C 69 13.01 -13.67 -4.61
N ASP C 70 11.89 -14.42 -4.61
CA ASP C 70 11.35 -15.05 -3.41
C ASP C 70 12.25 -16.21 -2.98
N PHE C 71 12.70 -17.01 -3.95
CA PHE C 71 13.61 -18.13 -3.70
C PHE C 71 14.92 -17.63 -3.11
N ALA C 72 15.48 -16.52 -3.68
CA ALA C 72 16.75 -15.98 -3.20
C ALA C 72 16.66 -15.43 -1.80
N GLU C 73 15.57 -14.69 -1.48
CA GLU C 73 15.38 -14.09 -0.17
C GLU C 73 15.18 -15.21 0.90
N MET C 74 14.47 -16.28 0.54
CA MET C 74 14.25 -17.39 1.47
C MET C 74 15.57 -18.09 1.81
N SER C 75 16.38 -18.45 0.80
CA SER C 75 17.66 -19.15 1.02
C SER C 75 18.64 -18.34 1.85
N SER C 76 18.76 -17.05 1.57
CA SER C 76 19.68 -16.19 2.29
C SER C 76 19.26 -15.87 3.71
N GLN C 77 17.96 -15.69 3.94
CA GLN C 77 17.48 -15.31 5.27
C GLN C 77 17.03 -16.47 6.15
N LEU C 78 16.88 -17.67 5.58
CA LEU C 78 16.48 -18.86 6.34
C LEU C 78 17.58 -19.19 7.32
N HIS C 79 17.26 -19.07 8.61
CA HIS C 79 18.24 -19.37 9.64
C HIS C 79 17.83 -20.66 10.30
N LEU C 80 18.58 -21.72 10.02
CA LEU C 80 18.29 -23.01 10.59
C LEU C 80 19.27 -23.39 11.66
N THR C 81 18.76 -24.09 12.64
CA THR C 81 19.43 -24.86 13.68
C THR C 81 18.57 -26.12 13.75
N PRO C 82 19.12 -27.27 14.19
CA PRO C 82 18.28 -28.49 14.27
C PRO C 82 17.16 -28.36 15.31
N PHE C 83 17.30 -27.44 16.28
CA PHE C 83 16.30 -27.25 17.35
C PHE C 83 15.23 -26.21 17.02
N THR C 84 15.42 -25.39 15.99
CA THR C 84 14.41 -24.42 15.56
C THR C 84 13.82 -24.74 14.17
N ALA C 85 14.47 -25.65 13.40
CA ALA C 85 14.08 -26.00 12.04
C ALA C 85 12.63 -26.43 11.91
N ARG C 86 12.11 -27.25 12.86
CA ARG C 86 10.72 -27.71 12.72
C ARG C 86 9.74 -26.56 12.83
N GLY C 87 10.00 -25.60 13.73
CA GLY C 87 9.12 -24.46 13.89
C GLY C 87 9.15 -23.57 12.67
N ARG C 88 10.34 -23.36 12.11
CA ARG C 88 10.50 -22.56 10.92
C ARG C 88 9.80 -23.24 9.74
N PHE C 89 9.87 -24.57 9.64
CA PHE C 89 9.17 -25.32 8.59
C PHE C 89 7.65 -25.07 8.72
N ALA C 90 7.12 -25.28 9.92
CA ALA C 90 5.71 -25.11 10.22
C ALA C 90 5.21 -23.69 9.92
N THR C 91 5.99 -22.66 10.28
CA THR C 91 5.63 -21.26 10.06
C THR C 91 5.45 -20.92 8.59
N VAL C 92 6.43 -21.32 7.78
CA VAL C 92 6.41 -21.07 6.35
C VAL C 92 5.27 -21.85 5.68
N VAL C 93 5.17 -23.15 5.98
CA VAL C 93 4.18 -23.99 5.34
C VAL C 93 2.74 -23.57 5.72
N GLU C 94 2.47 -23.12 6.98
CA GLU C 94 1.14 -22.62 7.34
C GLU C 94 0.82 -21.37 6.49
N GLU C 95 1.77 -20.41 6.37
CA GLU C 95 1.50 -19.23 5.57
C GLU C 95 1.27 -19.59 4.08
N LEU C 96 2.06 -20.54 3.57
CA LEU C 96 1.94 -20.99 2.19
C LEU C 96 0.53 -21.50 1.84
N PHE C 97 -0.08 -22.32 2.69
CA PHE C 97 -1.37 -22.91 2.39
C PHE C 97 -2.57 -22.22 3.05
N ARG C 98 -2.36 -21.09 3.73
CA ARG C 98 -3.38 -20.35 4.45
C ARG C 98 -4.64 -20.09 3.62
N ASP C 99 -4.48 -19.61 2.39
CA ASP C 99 -5.62 -19.29 1.53
C ASP C 99 -6.10 -20.45 0.64
N GLY C 100 -5.73 -21.67 1.00
CA GLY C 100 -6.15 -22.85 0.25
C GLY C 100 -5.04 -23.52 -0.53
N VAL C 101 -5.27 -24.77 -0.93
CA VAL C 101 -4.29 -25.57 -1.64
C VAL C 101 -4.58 -25.51 -3.14
N ASN C 102 -3.52 -25.36 -3.93
CA ASN C 102 -3.51 -25.41 -5.39
C ASN C 102 -2.19 -26.11 -5.84
N TRP C 103 -2.02 -26.44 -7.15
CA TRP C 103 -0.81 -27.16 -7.57
C TRP C 103 0.47 -26.32 -7.43
N GLY C 104 0.39 -25.03 -7.66
CA GLY C 104 1.53 -24.12 -7.55
C GLY C 104 2.06 -24.05 -6.13
N ARG C 105 1.16 -24.06 -5.15
CA ARG C 105 1.52 -24.02 -3.74
C ARG C 105 2.12 -25.35 -3.28
N ILE C 106 1.72 -26.46 -3.89
CA ILE C 106 2.30 -27.78 -3.61
C ILE C 106 3.75 -27.82 -4.11
N VAL C 107 4.03 -27.16 -5.26
CA VAL C 107 5.36 -27.04 -5.86
C VAL C 107 6.23 -26.12 -5.01
N ALA C 108 5.66 -25.00 -4.56
CA ALA C 108 6.32 -24.06 -3.65
C ALA C 108 6.72 -24.79 -2.34
N PHE C 109 5.87 -25.71 -1.87
CA PHE C 109 6.13 -26.53 -0.69
C PHE C 109 7.32 -27.45 -0.92
N PHE C 110 7.37 -28.15 -2.06
CA PHE C 110 8.48 -29.04 -2.37
C PHE C 110 9.77 -28.25 -2.47
N GLU C 111 9.73 -27.10 -3.16
CA GLU C 111 10.87 -26.20 -3.33
C GLU C 111 11.38 -25.61 -2.01
N PHE C 112 10.49 -25.32 -1.04
CA PHE C 112 10.88 -24.80 0.28
C PHE C 112 11.58 -25.91 1.07
N GLY C 113 11.07 -27.13 0.97
CA GLY C 113 11.72 -28.31 1.55
C GLY C 113 13.12 -28.50 0.98
N GLY C 114 13.24 -28.26 -0.34
CA GLY C 114 14.52 -28.29 -1.03
C GLY C 114 15.49 -27.23 -0.53
N VAL C 115 15.02 -26.00 -0.29
CA VAL C 115 15.84 -24.92 0.27
C VAL C 115 16.31 -25.32 1.66
N MET C 116 15.42 -25.91 2.49
CA MET C 116 15.82 -26.32 3.84
C MET C 116 16.86 -27.39 3.83
N CYS C 117 16.71 -28.37 2.93
CA CYS C 117 17.68 -29.46 2.78
C CYS C 117 19.03 -28.99 2.29
N VAL C 118 19.04 -28.13 1.25
CA VAL C 118 20.27 -27.58 0.70
C VAL C 118 20.96 -26.72 1.76
N GLU C 119 20.19 -25.90 2.49
CA GLU C 119 20.73 -25.06 3.56
C GLU C 119 21.30 -25.88 4.70
N SER C 120 20.67 -26.99 5.05
CA SER C 120 21.15 -27.88 6.09
C SER C 120 22.50 -28.47 5.70
N VAL C 121 22.66 -28.86 4.42
CA VAL C 121 23.93 -29.40 3.96
C VAL C 121 25.00 -28.31 3.90
N ASN C 122 24.63 -27.09 3.47
CA ASN C 122 25.56 -25.95 3.42
C ASN C 122 26.04 -25.52 4.81
N ARG C 123 25.19 -25.69 5.83
CA ARG C 123 25.55 -25.27 7.20
C ARG C 123 26.09 -26.40 8.09
N GLU C 124 26.36 -27.58 7.49
CA GLU C 124 26.89 -28.75 8.18
C GLU C 124 25.92 -29.24 9.24
N MET C 125 24.69 -29.49 8.79
CA MET C 125 23.58 -30.03 9.58
C MET C 125 22.91 -31.10 8.72
N SER C 126 23.71 -31.96 8.05
CA SER C 126 23.23 -33.00 7.14
C SER C 126 22.27 -34.00 7.78
N PRO C 127 22.42 -34.42 9.06
CA PRO C 127 21.41 -35.31 9.65
C PRO C 127 20.00 -34.71 9.65
N LEU C 128 19.90 -33.36 9.65
CA LEU C 128 18.64 -32.61 9.61
C LEU C 128 17.84 -32.84 8.33
N VAL C 129 18.51 -33.25 7.24
CA VAL C 129 17.87 -33.56 5.96
C VAL C 129 16.84 -34.68 6.12
N ASP C 130 17.19 -35.71 6.93
CA ASP C 130 16.29 -36.83 7.22
C ASP C 130 15.02 -36.34 7.92
N ASN C 131 15.19 -35.40 8.87
CA ASN C 131 14.07 -34.81 9.62
C ASN C 131 13.13 -34.00 8.71
N ILE C 132 13.69 -33.16 7.82
CA ILE C 132 12.90 -32.36 6.89
C ILE C 132 12.12 -33.28 5.96
N ALA C 133 12.75 -34.35 5.47
CA ALA C 133 12.07 -35.35 4.62
C ALA C 133 10.84 -35.96 5.38
N LEU C 134 11.01 -36.26 6.67
CA LEU C 134 9.95 -36.79 7.50
C LEU C 134 8.83 -35.77 7.69
N TRP C 135 9.18 -34.50 7.96
CA TRP C 135 8.19 -33.42 8.15
C TRP C 135 7.38 -33.16 6.91
N MET C 136 8.03 -33.19 5.74
CA MET C 136 7.37 -32.97 4.45
C MET C 136 6.38 -34.07 4.15
N THR C 137 6.75 -35.30 4.48
CA THR C 137 5.96 -36.50 4.25
C THR C 137 4.78 -36.51 5.19
N GLU C 138 4.99 -36.19 6.47
CA GLU C 138 3.92 -36.10 7.46
C GLU C 138 2.92 -35.04 7.05
N TYR C 139 3.40 -33.88 6.57
CA TYR C 139 2.52 -32.81 6.13
C TYR C 139 1.72 -33.20 4.90
N LEU C 140 2.33 -33.97 3.98
CA LEU C 140 1.62 -34.42 2.79
C LEU C 140 0.47 -35.36 3.16
N ASN C 141 0.72 -36.34 4.04
CA ASN C 141 -0.31 -37.29 4.45
C ASN C 141 -1.40 -36.60 5.24
N ARG C 142 -1.01 -35.77 6.23
CA ARG C 142 -1.95 -35.11 7.13
C ARG C 142 -2.76 -33.96 6.49
N HIS C 143 -2.11 -32.92 5.94
CA HIS C 143 -2.82 -31.75 5.43
C HIS C 143 -3.08 -31.68 3.94
N LEU C 144 -2.26 -32.35 3.11
CA LEU C 144 -2.40 -32.18 1.66
C LEU C 144 -3.09 -33.33 0.94
N HIS C 145 -3.13 -34.52 1.57
CA HIS C 145 -3.70 -35.72 0.97
C HIS C 145 -5.17 -35.58 0.64
N THR C 146 -5.97 -34.93 1.50
CA THR C 146 -7.40 -34.75 1.21
C THR C 146 -7.60 -33.93 -0.07
N TRP C 147 -6.87 -32.82 -0.23
CA TRP C 147 -7.00 -32.01 -1.45
C TRP C 147 -6.47 -32.78 -2.65
N ILE C 148 -5.40 -33.56 -2.48
CA ILE C 148 -4.78 -34.33 -3.55
C ILE C 148 -5.80 -35.31 -4.17
N GLN C 149 -6.35 -36.25 -3.37
CA GLN C 149 -7.34 -37.21 -3.86
C GLN C 149 -8.57 -36.54 -4.47
N ASP C 150 -9.07 -35.46 -3.85
CA ASP C 150 -10.23 -34.72 -4.34
C ASP C 150 -9.98 -33.96 -5.64
N ASN C 151 -8.72 -33.64 -5.95
CA ASN C 151 -8.40 -32.92 -7.17
C ASN C 151 -7.70 -33.78 -8.23
N GLY C 152 -8.03 -35.07 -8.24
CA GLY C 152 -7.51 -36.01 -9.24
C GLY C 152 -6.31 -36.87 -8.87
N GLY C 153 -5.67 -36.53 -7.76
CA GLY C 153 -4.49 -37.27 -7.30
C GLY C 153 -3.23 -36.85 -8.02
N TRP C 154 -2.17 -37.64 -7.87
CA TRP C 154 -0.90 -37.35 -8.55
C TRP C 154 -0.95 -37.56 -10.07
N ASP C 155 -2.00 -38.25 -10.60
CA ASP C 155 -2.16 -38.44 -12.04
C ASP C 155 -2.65 -37.14 -12.70
N ALA C 156 -3.53 -36.40 -12.01
CA ALA C 156 -4.01 -35.11 -12.51
C ALA C 156 -2.90 -34.05 -12.53
N PHE C 157 -1.85 -34.23 -11.71
CA PHE C 157 -0.71 -33.31 -11.70
C PHE C 157 0.11 -33.55 -12.97
N VAL C 158 0.34 -34.83 -13.34
CA VAL C 158 1.05 -35.16 -14.57
C VAL C 158 0.26 -34.65 -15.79
N GLU C 159 -1.09 -34.78 -15.73
CA GLU C 159 -1.99 -34.25 -16.75
C GLU C 159 -1.96 -32.72 -16.70
N LEU C 160 -1.79 -32.09 -17.86
CA LEU C 160 -1.75 -30.64 -18.05
C LEU C 160 -0.52 -29.95 -17.44
N TYR C 161 0.45 -30.70 -16.90
CA TYR C 161 1.70 -30.10 -16.39
C TYR C 161 2.91 -30.87 -16.88
N1 XZD D . 2.40 9.50 12.63
N3 XZD D . 10.90 13.14 11.94
C4 XZD D . 7.04 10.14 13.29
C5 XZD D . 5.82 9.57 13.65
C6 XZD D . 4.63 10.17 13.30
C7 XZD D . 3.36 9.44 13.62
C8 XZD D . 9.55 11.13 12.37
C10 XZD D . 9.67 13.92 11.67
C13 XZD D . 13.35 13.02 11.58
C15 XZD D . 13.75 12.53 9.15
C17 XZD D . 13.87 13.73 7.06
C20 XZD D . 12.95 11.57 8.55
C21 XZD D . 3.07 12.28 11.01
C22 XZD D . 3.34 11.24 10.04
C24 XZD D . 1.98 12.61 8.52
C26 XZD D . 0.61 8.33 9.97
C28 XZD D . -0.54 10.18 11.00
C1 XZD D . 4.68 11.40 12.61
C2 XZD D . 5.88 11.98 12.26
C3 XZD D . 7.08 11.35 12.59
O1 XZD D . 3.25 8.67 14.56
N2 XZD D . 8.31 11.92 12.22
C9 XZD D . 10.69 11.73 11.57
C11 XZD D . 8.49 13.35 12.47
C12 XZD D . 12.05 13.72 11.26
C14 XZD D . 14.08 12.44 10.60
C16 XZD D . 14.21 13.61 8.39
C18 XZD D . 13.05 12.77 6.49
C19 XZD D . 12.59 11.68 7.21
CL1 XZD D . 12.61 12.92 4.82
O2 XZD D . 3.50 12.10 12.33
C23 XZD D . 2.79 11.43 8.80
N4 XZD D . 1.80 13.53 9.51
C25 XZD D . 2.33 13.36 10.76
C27 XZD D . 0.27 9.06 11.09
C29 XZD D . -0.98 10.61 9.76
C30 XZD D . -0.65 9.92 8.58
N5 XZD D . -1.12 10.35 7.38
S1 XZD D . 1.03 8.64 12.62
O3 XZD D . 1.36 7.25 12.59
O4 XZD D . 0.21 9.14 13.68
C31 XZD D . 15.37 11.71 10.86
C32 XZD D . 15.68 11.39 12.32
C33 XZD D . 15.27 12.60 13.19
C34 XZD D . 13.79 13.02 13.03
C35 XZD D . 14.90 10.15 12.74
C36 XZD D . 17.18 11.13 12.47
C37 XZD D . -2.12 11.38 7.18
C38 XZD D . -2.22 11.78 5.72
C39 XZD D . -3.31 12.84 5.51
C40 XZD D . -3.43 13.17 4.04
O5 XZD D . -3.70 11.98 3.25
C41 XZD D . -2.65 11.03 3.39
C42 XZD D . -2.48 10.58 4.82
C43 XZD D . 0.14 8.75 8.73
N6 XZD D . 0.46 7.85 7.62
O6 XZD D . 0.03 8.11 6.50
O7 XZD D . 1.19 6.90 7.85
C44 XZD D . 2.81 10.77 7.54
C45 XZD D . 2.08 11.54 6.66
N7 XZD D . 1.57 12.66 7.26
C46 XZD D . 1.12 14.79 9.18
O8 XZD D . -0.07 14.74 9.86
P1 XZD D . -0.65 15.73 10.99
O9 XZD D . -1.54 14.88 11.87
O10 XZD D . 0.58 16.40 11.68
O11 XZD D . -1.34 16.85 10.22
N1 XZD E . -8.48 21.10 -9.30
N3 XZD E . -8.85 26.35 -1.70
C4 XZD E . -9.16 24.76 -6.51
C5 XZD E . -8.94 24.20 -7.75
C6 XZD E . -8.21 23.01 -7.88
C7 XZD E . -8.10 22.42 -9.25
C8 XZD E . -9.68 25.97 -3.99
C10 XZD E . -8.06 25.10 -1.80
C13 XZD E . -9.94 27.95 -0.11
C15 XZD E . -11.84 26.73 0.93
C17 XZD E . -13.35 24.89 0.60
C20 XZD E . -11.61 26.29 2.23
C21 XZD E . -7.62 20.01 -6.30
C22 XZD E . -9.04 19.85 -6.40
C24 XZD E . -8.65 17.57 -5.62
C26 XZD E . -10.37 18.31 -9.88
C28 XZD E . -8.04 17.72 -9.68
C1 XZD E . -7.71 22.41 -6.72
C2 XZD E . -7.91 22.97 -5.48
C3 XZD E . -8.65 24.16 -5.35
O1 XZD E . -8.00 23.10 -10.26
N2 XZD E . -8.85 24.76 -4.09
C9 XZD E . -10.05 26.26 -2.54
C11 XZD E . -7.66 24.84 -3.23
C12 XZD E . -9.19 26.66 -0.30
C14 XZD E . -11.19 27.96 0.43
C16 XZD E . -12.72 26.02 0.12
C18 XZD E . -13.13 24.49 1.89
C19 XZD E . -12.26 25.16 2.72
CL1 XZD E . -13.99 23.11 2.51
O2 XZD E . -7.04 21.18 -6.81
C23 XZD E . -9.55 18.62 -6.07
N4 XZD E . -7.30 17.81 -5.56
C25 XZD E . -6.78 19.04 -5.91
C27 XZD E . -9.03 18.62 -10.05
C29 XZD E . -8.40 16.50 -9.15
C30 XZD E . -9.74 16.14 -8.94
N5 XZD E . -10.07 14.92 -8.46
S1 XZD E . -8.60 20.20 -10.66
O3 XZD E . -9.70 20.71 -11.42
O4 XZD E . -7.30 20.10 -11.25
C31 XZD E . -11.98 29.22 0.60
C32 XZD E . -11.44 30.43 -0.17
C33 XZD E . -9.91 30.48 0.02
C34 XZD E . -9.21 29.21 -0.49
C35 XZD E . -12.07 31.71 0.38
C36 XZD E . -11.78 30.29 -1.65
C37 XZD E . -9.20 13.80 -8.19
C38 XZD E . -9.87 12.74 -7.33
C39 XZD E . -11.26 12.39 -7.85
C40 XZD E . -11.86 11.26 -7.03
O5 XZD E . -11.00 10.11 -7.01
C41 XZD E . -9.73 10.43 -6.43
C42 XZD E . -9.01 11.48 -7.24
C43 XZD E . -10.72 17.09 -9.34
N6 XZD E . -12.15 16.84 -9.23
O6 XZD E . -12.52 15.79 -8.73
O7 XZD E . -12.93 17.68 -9.66
C44 XZD E . -10.81 17.98 -6.09
C45 XZD E . -10.60 16.68 -5.69
N7 XZD E . -9.29 16.43 -5.38
C46 XZD E . -6.40 16.72 -5.18
O8 XZD E . -5.10 17.19 -5.18
P1 XZD E . -3.73 16.69 -5.91
O9 XZD E . -2.66 17.71 -5.74
O10 XZD E . -3.40 15.32 -5.25
O11 XZD E . -4.15 16.45 -7.40
N1 XZD F . 0.24 -21.72 -9.53
N3 XZD F . 5.41 -17.61 -3.02
C4 XZD F . 1.52 -19.97 -5.28
C5 XZD F . 0.57 -20.47 -6.16
C6 XZD F . 0.77 -20.43 -7.54
C7 XZD F . -0.27 -21.10 -8.40
C8 XZD F . 4.29 -17.63 -5.20
C10 XZD F . 4.96 -18.98 -2.75
C13 XZD F . 6.45 -17.35 -0.78
C15 XZD F . 8.24 -19.07 -0.62
C17 XZD F . 10.52 -19.31 -1.38
C20 XZD F . 8.01 -20.41 -0.96
C21 XZD F . 3.16 -20.49 -10.01
C22 XZD F . 3.43 -21.80 -9.48
C24 XZD F . 4.91 -22.06 -11.40
C26 XZD F . 1.11 -24.76 -11.01
C28 XZD F . 1.14 -22.96 -12.63
C1 XZD F . 1.95 -19.86 -8.02
C2 XZD F . 2.93 -19.37 -7.14
C3 XZD F . 2.72 -19.42 -5.77
O1 XZD F . -1.48 -20.91 -8.27
N2 XZD F . 3.70 -18.93 -4.88
C9 XZD F . 5.61 -17.43 -4.47
C11 XZD F . 3.62 -19.23 -3.45
C12 XZD F . 6.64 -17.28 -2.27
C14 XZD F . 7.16 -18.24 -0.03
C16 XZD F . 9.50 -18.54 -0.83
C18 XZD F . 10.27 -20.63 -1.69
C19 XZD F . 9.02 -21.19 -1.48
CL1 XZD F . 11.57 -21.61 -2.26
O2 XZD F . 2.19 -19.70 -9.39
C23 XZD F . 4.31 -22.58 -10.19
N4 XZD F . 4.57 -20.80 -11.84
C25 XZD F . 3.72 -20.01 -11.14
C27 XZD F . 0.63 -23.55 -11.48
C29 XZD F . 2.16 -23.59 -13.31
C30 XZD F . 2.70 -24.82 -12.89
N5 XZD F . 3.64 -25.46 -13.64
S1 XZD F . -0.60 -22.71 -10.53
O3 XZD F . -1.35 -21.85 -11.41
O4 XZD F . -1.30 -23.69 -9.74
C31 XZD F . 6.98 -18.36 1.46
C32 XZD F . 5.82 -17.57 2.07
C33 XZD F . 5.73 -16.21 1.36
C34 XZD F . 5.55 -16.30 -0.17
C35 XZD F . 6.07 -17.36 3.57
C36 XZD F . 4.51 -18.35 1.89
C37 XZD F . 4.21 -25.12 -14.92
C38 XZD F . 5.42 -25.96 -15.23
C39 XZD F . 5.12 -27.46 -15.23
C40 XZD F . 6.38 -28.25 -15.50
O5 XZD F . 6.99 -27.85 -16.74
C41 XZD F . 7.34 -26.45 -16.73
C42 XZD F . 6.11 -25.58 -16.53
C43 XZD F . 2.14 -25.38 -11.70
N6 XZD F . 2.57 -26.68 -11.17
O6 XZD F . 3.49 -27.26 -11.72
O7 XZD F . 1.97 -27.14 -10.21
C44 XZD F . 4.88 -23.87 -10.08
C45 XZD F . 5.72 -24.03 -11.14
N7 XZD F . 5.74 -22.92 -11.96
C46 XZD F . 5.03 -20.33 -13.16
O8 XZD F . 3.82 -20.18 -13.84
P1 XZD F . 3.25 -19.10 -14.90
O9 XZD F . 3.55 -19.58 -16.29
O10 XZD F . 3.90 -17.74 -14.54
O11 XZD F . 1.73 -18.98 -14.63
#